data_1C1V
#
_entry.id   1C1V
#
_cell.length_a   72.47
_cell.length_b   72.09
_cell.length_c   73.110
_cell.angle_alpha   90.00
_cell.angle_beta   101.51
_cell.angle_gamma   90.00
#
_symmetry.space_group_name_H-M   'C 1 2 1'
#
loop_
_entity.id
_entity.type
_entity.pdbx_description
1 polymer 'Thrombin light chain'
2 polymer 'Thrombin heavy chain'
3 polymer Hirudin-2
4 non-polymer 'ZINC ION'
5 non-polymer 'SODIUM ION'
6 non-polymer BIS(5-AMIDINO-BENZIMIDAZOLYL)METHANE
7 water water
#
loop_
_entity_poly.entity_id
_entity_poly.type
_entity_poly.pdbx_seq_one_letter_code
_entity_poly.pdbx_strand_id
1 'polypeptide(L)' TFGSGEADCGLRPLFEKKSLEDKTERELLESYIDGR L
2 'polypeptide(L)'
;IVEGSDAEIGMSPWQVMLFRKSPQELLCGASLISDRWVLTAAHCLLYPPWDKNFTENDLLVRIGKHSRTRYERNIEKISM
LEKIYIHPRYNWRENLDRDIALMKLKKPVAFSDYIHPVCLPDRETAASLLQAGYKGRVTGWGNLKETWTANVGKGQPSVL
QVVNLPIVERPVCKDSTRIRITDNMFCAGYKPDEGKRGDACEGDSGGPFVMKSPFNNRWYQMGIVSWGEGCDRDGKYGFY
THVFRLKKWIQKVIDQFGE
;
H
3 'polypeptide(L)' DFEEIPEE(TYS)LQ I
#
loop_
_chem_comp.id
_chem_comp.type
_chem_comp.name
_chem_comp.formula
BAB non-polymer BIS(5-AMIDINO-BENZIMIDAZOLYL)METHANE 'C17 H19 N8 3'
NA non-polymer 'SODIUM ION' 'Na 1'
ZN non-polymer 'ZINC ION' 'Zn 2'
#
# COMPACT_ATOMS: atom_id res chain seq x y z
N THR A 1 0.99 -0.57 14.18
CA THR A 1 -0.37 -0.69 14.72
C THR A 1 -0.84 0.72 15.02
N PHE A 2 -0.11 1.45 15.83
CA PHE A 2 -0.51 2.83 16.17
C PHE A 2 0.66 3.74 15.80
N GLY A 3 0.70 4.84 16.51
CA GLY A 3 1.74 5.88 16.34
C GLY A 3 3.11 5.30 16.14
N SER A 4 3.82 5.92 15.25
CA SER A 4 5.18 5.50 14.90
C SER A 4 5.25 3.99 14.60
N GLY A 5 4.10 3.38 14.37
CA GLY A 5 4.08 1.93 14.05
C GLY A 5 3.63 0.88 15.03
N GLU A 6 4.56 0.01 15.33
CA GLU A 6 4.31 -1.13 16.26
C GLU A 6 5.44 -1.34 17.26
N ALA A 7 6.62 -0.88 16.96
CA ALA A 7 7.86 -0.97 17.80
C ALA A 7 8.90 -1.44 16.82
N ASP A 8 8.80 -2.68 16.44
CA ASP A 8 9.79 -3.24 15.46
C ASP A 8 9.02 -3.20 14.17
N CYS A 9 8.76 -2.01 13.74
CA CYS A 9 8.03 -1.85 12.47
C CYS A 9 9.04 -1.07 11.67
N GLY A 10 8.81 -0.96 10.42
CA GLY A 10 9.77 -0.17 9.55
C GLY A 10 11.21 -0.58 9.32
N LEU A 11 11.77 -1.55 10.01
CA LEU A 11 13.20 -1.95 9.79
C LEU A 11 13.06 -3.33 9.12
N ARG A 12 13.69 -3.50 7.97
CA ARG A 12 13.63 -4.76 7.17
C ARG A 12 14.76 -5.71 7.50
N PRO A 13 14.45 -6.90 7.96
CA PRO A 13 15.45 -7.94 8.26
C PRO A 13 16.62 -8.06 7.26
N LEU A 14 16.33 -7.90 5.99
CA LEU A 14 17.42 -8.01 4.98
C LEU A 14 18.12 -6.74 4.57
N PHE A 15 17.76 -5.63 5.15
CA PHE A 15 18.43 -4.33 4.78
C PHE A 15 18.84 -3.60 6.06
N GLU A 16 18.01 -2.73 6.60
CA GLU A 16 18.31 -1.94 7.86
C GLU A 16 18.97 -2.79 8.94
N LYS A 17 18.35 -3.91 9.21
CA LYS A 17 18.88 -4.84 10.23
C LYS A 17 20.27 -5.39 9.85
N LYS A 18 20.67 -5.30 8.62
CA LYS A 18 22.02 -5.82 8.20
C LYS A 18 22.85 -4.67 7.72
N SER A 19 22.25 -3.53 7.66
CA SER A 19 22.95 -2.29 7.19
C SER A 19 23.23 -2.45 5.66
N LEU A 20 22.24 -2.96 4.98
CA LEU A 20 22.35 -3.14 3.51
C LEU A 20 21.28 -2.18 2.96
N GLU A 21 21.57 -1.53 1.86
CA GLU A 21 20.62 -0.57 1.22
C GLU A 21 20.01 -1.23 -0.02
N ASP A 22 18.78 -0.93 -0.36
CA ASP A 22 18.20 -1.59 -1.57
C ASP A 22 18.59 -0.59 -2.69
N LYS A 23 18.67 -1.00 -3.91
CA LYS A 23 19.08 -0.06 -5.00
C LYS A 23 18.39 1.29 -5.25
N THR A 24 17.22 1.55 -4.75
CA THR A 24 16.61 2.90 -5.04
C THR A 24 16.33 3.73 -3.79
N GLU A 25 16.62 3.24 -2.62
CA GLU A 25 16.27 4.12 -1.47
C GLU A 25 17.05 5.39 -1.54
N ARG A 26 18.27 5.33 -1.98
CA ARG A 26 19.11 6.57 -2.11
C ARG A 26 18.26 7.72 -2.67
N GLU A 27 17.56 7.37 -3.72
CA GLU A 27 16.66 8.31 -4.45
C GLU A 27 15.72 9.04 -3.55
N LEU A 28 15.13 8.34 -2.64
CA LEU A 28 14.17 8.97 -1.70
C LEU A 28 14.90 9.92 -0.77
N LEU A 29 15.79 9.35 -0.03
CA LEU A 29 16.58 10.17 0.93
C LEU A 29 17.15 11.40 0.25
N GLU A 30 17.58 11.24 -0.96
CA GLU A 30 18.13 12.45 -1.63
C GLU A 30 17.01 13.46 -1.88
N SER A 31 15.82 13.01 -2.20
CA SER A 31 14.75 14.01 -2.45
C SER A 31 14.44 14.80 -1.22
N TYR A 32 14.77 14.34 -0.02
CA TYR A 32 14.41 15.19 1.17
C TYR A 32 15.65 16.04 1.31
N ILE A 33 15.88 16.79 0.28
CA ILE A 33 17.03 17.70 0.15
C ILE A 33 18.36 17.15 0.71
N ASP A 34 18.44 15.84 0.63
CA ASP A 34 19.59 15.00 1.07
C ASP A 34 19.62 14.66 2.57
N GLY A 35 19.89 13.42 2.86
CA GLY A 35 19.95 12.97 4.28
C GLY A 35 21.27 12.24 4.45
N ARG A 36 21.75 12.18 5.66
CA ARG A 36 23.04 11.49 5.98
C ARG A 36 22.69 10.71 7.28
N ILE B 1 1.96 -1.57 -11.93
CA ILE B 1 2.82 -0.39 -11.77
C ILE B 1 3.28 -0.11 -13.17
N VAL B 2 3.13 1.10 -13.61
CA VAL B 2 3.55 1.43 -15.00
C VAL B 2 4.93 2.05 -14.79
N GLU B 3 5.83 1.66 -15.63
CA GLU B 3 7.25 2.12 -15.64
C GLU B 3 7.91 2.02 -14.28
N GLY B 4 7.71 0.90 -13.67
CA GLY B 4 8.29 0.62 -12.34
C GLY B 4 9.11 -0.65 -12.54
N SER B 5 10.04 -0.98 -11.67
CA SER B 5 10.87 -2.20 -11.86
C SER B 5 10.60 -3.28 -10.83
N ASP B 6 11.16 -4.42 -11.10
CA ASP B 6 10.95 -5.54 -10.15
C ASP B 6 11.58 -5.16 -8.86
N ALA B 7 11.02 -5.70 -7.83
CA ALA B 7 11.52 -5.43 -6.46
C ALA B 7 12.60 -6.46 -6.15
N GLU B 8 13.05 -6.35 -4.93
CA GLU B 8 14.09 -7.28 -4.45
C GLU B 8 13.44 -8.12 -3.39
N ILE B 9 14.16 -9.08 -2.97
CA ILE B 9 13.64 -10.00 -1.96
C ILE B 9 13.84 -9.24 -0.65
N GLY B 10 12.81 -9.21 0.13
CA GLY B 10 12.82 -8.52 1.45
C GLY B 10 12.69 -7.01 1.31
N MET B 11 12.46 -6.53 0.13
CA MET B 11 12.33 -5.05 -0.08
C MET B 11 11.10 -4.40 0.56
N SER B 12 10.00 -5.07 0.39
CA SER B 12 8.68 -4.56 0.94
C SER B 12 8.00 -5.60 1.83
N PRO B 13 8.60 -5.96 2.92
CA PRO B 13 8.07 -7.08 3.77
C PRO B 13 6.66 -6.91 4.25
N TRP B 14 6.22 -5.69 4.17
CA TRP B 14 4.85 -5.37 4.63
C TRP B 14 3.81 -5.50 3.55
N GLN B 15 4.26 -5.54 2.33
CA GLN B 15 3.31 -5.68 1.19
C GLN B 15 2.45 -6.95 1.34
N VAL B 16 1.14 -6.83 1.22
CA VAL B 16 0.21 -7.99 1.35
C VAL B 16 -0.48 -8.13 0.02
N MET B 17 -1.07 -9.27 -0.20
CA MET B 17 -1.81 -9.55 -1.49
C MET B 17 -3.20 -9.95 -0.97
N LEU B 18 -4.30 -9.51 -1.54
CA LEU B 18 -5.68 -9.90 -1.07
C LEU B 18 -6.06 -10.81 -2.23
N PHE B 19 -6.39 -12.01 -1.89
CA PHE B 19 -6.76 -13.06 -2.88
C PHE B 19 -8.22 -13.42 -2.79
N ARG B 20 -8.78 -13.80 -3.89
CA ARG B 20 -10.22 -14.17 -3.88
C ARG B 20 -10.24 -15.68 -3.92
N LYS B 21 -11.09 -16.31 -3.17
CA LYS B 21 -11.09 -17.79 -3.23
C LYS B 21 -11.58 -18.27 -4.58
N SER B 22 -12.76 -17.91 -5.01
CA SER B 22 -13.20 -18.41 -6.34
C SER B 22 -13.79 -17.21 -7.14
N PRO B 23 -13.43 -17.02 -8.38
CA PRO B 23 -12.17 -17.52 -8.99
C PRO B 23 -10.95 -17.13 -8.15
N GLN B 24 -9.88 -17.86 -8.28
CA GLN B 24 -8.68 -17.53 -7.47
C GLN B 24 -7.98 -16.48 -8.32
N GLU B 25 -8.22 -15.25 -7.95
CA GLU B 25 -7.60 -14.10 -8.68
C GLU B 25 -7.08 -13.01 -7.73
N LEU B 26 -6.10 -12.27 -8.20
CA LEU B 26 -5.52 -11.18 -7.36
C LEU B 26 -6.62 -10.15 -7.37
N LEU B 27 -6.87 -9.56 -6.24
CA LEU B 27 -7.94 -8.53 -6.09
C LEU B 27 -7.40 -7.13 -5.83
N CYS B 28 -6.59 -7.02 -4.80
CA CYS B 28 -5.95 -5.71 -4.40
C CYS B 28 -4.66 -5.97 -3.62
N GLY B 29 -4.09 -4.92 -3.13
CA GLY B 29 -2.82 -5.05 -2.35
C GLY B 29 -3.11 -4.50 -0.99
N ALA B 30 -2.26 -4.65 -0.02
CA ALA B 30 -2.52 -4.14 1.33
C ALA B 30 -1.23 -4.13 2.08
N SER B 31 -1.25 -3.77 3.33
CA SER B 31 0.04 -3.77 4.06
C SER B 31 -0.27 -4.34 5.44
N LEU B 32 0.74 -4.83 6.08
CA LEU B 32 0.66 -5.45 7.44
C LEU B 32 1.06 -4.33 8.42
N ILE B 33 0.29 -4.05 9.47
CA ILE B 33 0.71 -2.96 10.41
C ILE B 33 1.04 -3.55 11.77
N SER B 34 0.50 -4.70 12.10
CA SER B 34 0.80 -5.36 13.41
C SER B 34 0.68 -6.81 13.02
N ASP B 35 0.90 -7.73 13.88
CA ASP B 35 0.76 -9.16 13.44
C ASP B 35 -0.70 -9.52 13.17
N ARG B 36 -1.67 -8.72 13.53
CA ARG B 36 -3.09 -9.13 13.22
C ARG B 36 -3.85 -8.19 12.32
N TRP B 37 -3.38 -7.01 12.08
CA TRP B 37 -4.15 -6.08 11.20
C TRP B 37 -3.54 -5.76 9.85
N VAL B 38 -4.34 -5.85 8.84
CA VAL B 38 -3.86 -5.55 7.46
C VAL B 38 -4.64 -4.28 7.13
N LEU B 39 -4.08 -3.42 6.33
CA LEU B 39 -4.75 -2.13 5.94
C LEU B 39 -4.92 -2.05 4.41
N THR B 40 -6.09 -1.72 3.90
CA THR B 40 -6.22 -1.67 2.41
C THR B 40 -7.08 -0.48 2.08
N ALA B 41 -7.51 -0.37 0.85
CA ALA B 41 -8.37 0.75 0.41
C ALA B 41 -9.79 0.11 0.42
N ALA B 42 -10.72 0.80 1.04
CA ALA B 42 -12.13 0.31 1.13
C ALA B 42 -12.76 0.00 -0.20
N HIS B 43 -12.44 0.73 -1.23
CA HIS B 43 -13.15 0.33 -2.48
C HIS B 43 -12.70 -0.97 -3.04
N CYS B 44 -11.71 -1.55 -2.47
CA CYS B 44 -11.24 -2.86 -2.99
C CYS B 44 -12.28 -3.88 -2.54
N LEU B 45 -12.91 -3.52 -1.45
CA LEU B 45 -13.94 -4.41 -0.86
C LEU B 45 -15.33 -4.04 -1.09
N LEU B 46 -15.59 -2.77 -1.16
CA LEU B 46 -17.00 -2.35 -1.38
C LEU B 46 -17.16 -1.29 -2.46
N TYR B 47 -17.85 -1.56 -3.52
CA TYR B 47 -17.99 -0.48 -4.54
C TYR B 47 -19.34 -0.73 -5.20
N PRO B 48 -20.43 -0.26 -4.62
CA PRO B 48 -21.82 -0.47 -5.17
C PRO B 48 -22.08 -0.18 -6.64
N PRO B 49 -21.54 0.89 -7.15
CA PRO B 49 -21.69 1.17 -8.58
C PRO B 49 -21.40 -0.09 -9.45
N TRP B 50 -20.49 -0.92 -9.02
CA TRP B 50 -20.18 -2.16 -9.82
C TRP B 50 -20.55 -3.37 -9.00
N ASP B 51 -21.45 -3.20 -8.08
CA ASP B 51 -21.91 -4.32 -7.21
C ASP B 51 -20.78 -5.07 -6.51
N LYS B 52 -19.82 -4.39 -5.99
CA LYS B 52 -18.72 -5.12 -5.29
C LYS B 52 -19.03 -4.99 -3.82
N ASN B 53 -18.95 -6.06 -3.10
CA ASN B 53 -19.22 -6.10 -1.64
C ASN B 53 -18.66 -7.44 -1.15
N PHE B 54 -17.39 -7.47 -0.85
CA PHE B 54 -16.80 -8.75 -0.37
C PHE B 54 -16.96 -8.78 1.14
N THR B 55 -16.89 -9.98 1.64
CA THR B 55 -17.01 -10.25 3.08
C THR B 55 -15.83 -11.16 3.44
N GLU B 56 -15.59 -11.29 4.71
CA GLU B 56 -14.47 -12.15 5.25
C GLU B 56 -14.22 -13.39 4.38
N ASN B 57 -15.26 -14.17 4.38
CA ASN B 57 -15.33 -15.45 3.67
C ASN B 57 -14.99 -15.46 2.22
N ASP B 58 -14.92 -14.33 1.57
CA ASP B 58 -14.59 -14.38 0.11
C ASP B 58 -13.16 -14.07 -0.17
N LEU B 59 -12.43 -13.65 0.84
CA LEU B 59 -10.97 -13.28 0.68
C LEU B 59 -9.95 -14.13 1.45
N LEU B 60 -8.71 -13.97 1.04
CA LEU B 60 -7.54 -14.66 1.65
C LEU B 60 -6.43 -13.60 1.66
N VAL B 61 -5.56 -13.58 2.60
CA VAL B 61 -4.46 -12.57 2.65
C VAL B 61 -3.11 -13.29 2.44
N ARG B 62 -2.37 -13.01 1.41
CA ARG B 62 -1.08 -13.74 1.24
C ARG B 62 0.00 -12.74 1.55
N ILE B 63 0.81 -13.09 2.50
CA ILE B 63 1.92 -12.24 2.95
C ILE B 63 3.30 -12.91 2.67
N GLY B 64 4.33 -12.16 2.39
CA GLY B 64 5.69 -12.77 2.13
C GLY B 64 5.86 -13.10 0.65
N LYS B 65 4.94 -12.68 -0.17
CA LYS B 65 5.07 -12.99 -1.61
C LYS B 65 6.01 -12.06 -2.30
N HIS B 66 6.36 -12.53 -3.46
CA HIS B 66 7.31 -11.84 -4.39
C HIS B 66 6.69 -12.12 -5.76
N SER B 67 6.52 -13.37 -6.04
CA SER B 67 5.95 -13.77 -7.33
C SER B 67 4.46 -13.52 -7.14
N ARG B 68 3.84 -13.23 -8.25
CA ARG B 68 2.38 -12.95 -8.26
C ARG B 68 1.53 -14.24 -8.26
N THR B 69 1.72 -15.06 -9.23
CA THR B 69 0.98 -16.33 -9.42
C THR B 69 1.43 -17.63 -8.78
N ARG B 70 2.50 -17.64 -8.05
CA ARG B 70 2.93 -18.94 -7.47
C ARG B 70 2.81 -19.06 -5.98
N TYR B 71 2.53 -20.24 -5.52
CA TYR B 71 2.37 -20.45 -4.06
C TYR B 71 3.79 -20.73 -3.62
N GLU B 72 4.42 -19.69 -3.14
CA GLU B 72 5.84 -19.76 -2.65
C GLU B 72 5.91 -20.52 -1.32
N ARG B 73 5.86 -21.83 -1.48
CA ARG B 73 5.92 -22.81 -0.36
C ARG B 73 7.05 -22.42 0.58
N ASN B 74 6.75 -22.45 1.84
CA ASN B 74 7.69 -22.12 2.93
C ASN B 74 8.03 -20.64 2.96
N ILE B 75 7.62 -19.81 2.05
CA ILE B 75 8.02 -18.36 2.19
C ILE B 75 6.81 -17.52 2.55
N GLU B 76 5.71 -17.72 1.88
CA GLU B 76 4.52 -16.89 2.20
C GLU B 76 3.61 -17.55 3.21
N LYS B 77 2.77 -16.73 3.77
CA LYS B 77 1.78 -17.20 4.78
C LYS B 77 0.41 -16.73 4.25
N ILE B 78 -0.56 -17.58 4.45
CA ILE B 78 -1.94 -17.32 4.00
C ILE B 78 -2.86 -17.23 5.24
N SER B 79 -3.56 -16.14 5.45
CA SER B 79 -4.45 -16.05 6.65
C SER B 79 -5.89 -15.74 6.21
N MET B 80 -6.79 -15.96 7.12
CA MET B 80 -8.24 -15.71 6.82
C MET B 80 -8.56 -14.47 7.62
N LEU B 81 -9.65 -13.87 7.29
CA LEU B 81 -10.03 -12.64 8.00
C LEU B 81 -11.01 -13.01 9.07
N GLU B 82 -11.08 -12.17 10.05
CA GLU B 82 -12.01 -12.38 11.19
C GLU B 82 -13.04 -11.26 10.97
N LYS B 83 -12.57 -10.06 10.81
CA LYS B 83 -13.51 -8.91 10.59
C LYS B 83 -12.88 -7.91 9.59
N ILE B 84 -13.73 -7.16 8.95
CA ILE B 84 -13.32 -6.13 7.96
C ILE B 84 -14.05 -4.92 8.54
N TYR B 85 -13.41 -3.79 8.50
CA TYR B 85 -14.04 -2.56 9.02
C TYR B 85 -13.82 -1.58 7.92
N ILE B 86 -14.82 -0.83 7.58
CA ILE B 86 -14.66 0.15 6.49
C ILE B 86 -14.81 1.49 7.22
N HIS B 87 -14.37 2.56 6.63
CA HIS B 87 -14.53 3.84 7.39
C HIS B 87 -16.03 4.21 7.25
N PRO B 88 -16.68 4.54 8.33
CA PRO B 88 -18.14 4.78 8.31
C PRO B 88 -18.51 5.88 7.33
N ARG B 89 -17.57 6.74 7.05
CA ARG B 89 -17.85 7.86 6.11
C ARG B 89 -17.10 7.72 4.79
N TYR B 90 -16.90 6.50 4.40
CA TYR B 90 -16.19 6.22 3.08
C TYR B 90 -17.17 6.79 2.06
N ASN B 91 -16.72 7.61 1.16
CA ASN B 91 -17.64 8.23 0.13
C ASN B 91 -17.51 7.64 -1.24
N TRP B 92 -18.23 6.58 -1.46
CA TRP B 92 -18.16 5.92 -2.79
C TRP B 92 -19.09 6.55 -3.78
N ARG B 93 -20.00 7.33 -3.30
CA ARG B 93 -20.95 7.99 -4.22
C ARG B 93 -20.30 9.17 -4.89
N GLU B 94 -19.30 9.77 -4.31
CA GLU B 94 -18.69 10.94 -5.02
C GLU B 94 -17.19 10.85 -5.38
N ASN B 95 -16.29 10.92 -4.41
CA ASN B 95 -14.82 10.87 -4.72
C ASN B 95 -13.95 9.91 -3.92
N LEU B 96 -14.51 8.82 -3.43
CA LEU B 96 -13.71 7.82 -2.64
C LEU B 96 -12.99 8.53 -1.53
N ASP B 97 -13.69 9.45 -0.93
CA ASP B 97 -13.06 10.22 0.19
C ASP B 97 -13.08 9.24 1.33
N ARG B 98 -11.96 9.13 2.04
CA ARG B 98 -11.78 8.20 3.21
C ARG B 98 -11.81 6.82 2.62
N ASP B 99 -10.85 6.56 1.79
CA ASP B 99 -10.80 5.22 1.15
C ASP B 99 -9.89 4.40 2.07
N ILE B 100 -10.39 3.98 3.20
CA ILE B 100 -9.52 3.17 4.14
C ILE B 100 -10.36 2.04 4.77
N ALA B 101 -9.72 0.92 5.01
CA ALA B 101 -10.41 -0.24 5.61
C ALA B 101 -9.41 -1.02 6.40
N LEU B 102 -9.89 -1.65 7.42
CA LEU B 102 -9.00 -2.46 8.29
C LEU B 102 -9.46 -3.87 8.28
N MET B 103 -8.55 -4.81 8.29
CA MET B 103 -8.97 -6.25 8.28
C MET B 103 -8.25 -6.85 9.47
N LYS B 104 -8.99 -7.62 10.21
CA LYS B 104 -8.46 -8.32 11.42
C LYS B 104 -8.28 -9.73 10.89
N LEU B 105 -7.17 -10.34 11.22
CA LEU B 105 -6.93 -11.72 10.72
C LEU B 105 -7.34 -12.68 11.81
N LYS B 106 -7.59 -13.87 11.40
CA LYS B 106 -8.01 -14.91 12.36
C LYS B 106 -6.96 -15.07 13.47
N LYS B 107 -5.77 -15.41 13.08
CA LYS B 107 -4.67 -15.61 14.09
C LYS B 107 -3.54 -14.71 13.68
N PRO B 108 -2.65 -14.38 14.61
CA PRO B 108 -1.49 -13.49 14.33
C PRO B 108 -0.49 -14.18 13.42
N VAL B 109 0.17 -13.42 12.59
CA VAL B 109 1.16 -14.06 11.69
C VAL B 109 2.50 -13.85 12.39
N ALA B 110 3.44 -14.72 12.12
CA ALA B 110 4.79 -14.63 12.76
C ALA B 110 5.59 -13.85 11.74
N PHE B 111 6.54 -13.09 12.19
CA PHE B 111 7.33 -12.32 11.18
C PHE B 111 8.45 -13.20 10.75
N SER B 112 9.19 -12.74 9.78
CA SER B 112 10.36 -13.48 9.22
C SER B 112 11.14 -12.38 8.53
N ASP B 113 12.04 -12.77 7.67
CA ASP B 113 12.87 -11.81 6.89
C ASP B 113 11.95 -11.22 5.83
N TYR B 114 10.99 -12.02 5.43
CA TYR B 114 10.03 -11.64 4.39
C TYR B 114 8.73 -11.10 4.91
N ILE B 115 8.46 -11.20 6.17
CA ILE B 115 7.17 -10.65 6.70
C ILE B 115 7.61 -9.77 7.85
N HIS B 116 7.16 -8.53 7.88
CA HIS B 116 7.50 -7.54 8.96
C HIS B 116 6.52 -6.42 8.75
N PRO B 117 5.92 -5.79 9.72
CA PRO B 117 4.96 -4.68 9.43
C PRO B 117 5.69 -3.38 9.16
N VAL B 118 4.91 -2.41 8.82
CA VAL B 118 5.43 -1.04 8.52
C VAL B 118 4.91 -0.12 9.63
N CYS B 119 5.56 0.99 9.79
CA CYS B 119 5.15 1.94 10.83
C CYS B 119 4.08 2.90 10.31
N LEU B 120 3.38 3.47 11.24
CA LEU B 120 2.29 4.41 10.89
C LEU B 120 2.75 5.69 11.45
N PRO B 121 2.62 6.75 10.71
CA PRO B 121 3.30 7.99 11.01
C PRO B 121 2.58 8.74 12.14
N ASP B 122 3.36 9.54 12.78
CA ASP B 122 2.88 10.37 13.91
C ASP B 122 2.95 11.77 13.33
N ARG B 123 2.20 12.64 13.93
CA ARG B 123 2.14 14.06 13.50
C ARG B 123 3.48 14.63 13.03
N GLU B 124 4.51 14.53 13.84
CA GLU B 124 5.86 15.11 13.43
C GLU B 124 6.41 14.52 12.15
N THR B 125 6.34 13.24 12.06
CA THR B 125 6.87 12.57 10.84
C THR B 125 6.01 13.02 9.65
N ALA B 126 4.69 13.03 9.77
CA ALA B 126 3.86 13.46 8.61
C ALA B 126 4.29 14.83 8.19
N ALA B 127 4.36 15.64 9.19
CA ALA B 127 4.76 17.04 8.93
C ALA B 127 6.08 17.20 8.28
N SER B 128 7.00 16.35 8.54
CA SER B 128 8.31 16.53 7.91
C SER B 128 8.49 15.83 6.59
N LEU B 129 7.73 14.80 6.35
CA LEU B 129 7.89 14.07 5.06
C LEU B 129 6.84 14.33 3.99
N LEU B 130 5.66 14.72 4.35
CA LEU B 130 4.67 14.95 3.25
C LEU B 130 4.89 16.33 2.65
N GLN B 131 5.94 16.46 1.88
CA GLN B 131 6.22 17.77 1.23
C GLN B 131 6.32 17.51 -0.27
N ALA B 132 6.03 18.53 -1.04
CA ALA B 132 6.09 18.34 -2.50
C ALA B 132 7.54 18.19 -2.89
N GLY B 133 7.81 17.24 -3.74
CA GLY B 133 9.21 17.01 -4.20
C GLY B 133 9.82 15.81 -3.54
N TYR B 134 9.30 15.47 -2.40
CA TYR B 134 9.82 14.30 -1.66
C TYR B 134 9.28 13.10 -2.36
N LYS B 135 10.11 12.13 -2.59
CA LYS B 135 9.60 10.93 -3.28
C LYS B 135 9.25 9.92 -2.28
N GLY B 136 8.32 9.11 -2.69
CA GLY B 136 7.82 8.01 -1.80
C GLY B 136 7.81 6.78 -2.65
N ARG B 137 7.55 5.60 -2.12
CA ARG B 137 7.56 4.39 -3.01
C ARG B 137 6.22 3.65 -2.94
N VAL B 138 5.84 3.03 -4.02
CA VAL B 138 4.55 2.28 -4.14
C VAL B 138 4.91 0.95 -4.74
N THR B 139 4.29 -0.10 -4.35
CA THR B 139 4.54 -1.45 -4.88
C THR B 139 3.22 -2.24 -5.17
N GLY B 140 3.30 -3.27 -5.98
CA GLY B 140 2.07 -4.04 -6.29
C GLY B 140 2.29 -4.97 -7.47
N TRP B 141 1.33 -5.81 -7.63
CA TRP B 141 1.28 -6.84 -8.69
C TRP B 141 0.21 -6.45 -9.72
N GLY B 142 0.11 -5.16 -9.89
CA GLY B 142 -0.90 -4.64 -10.83
C GLY B 142 -0.38 -4.57 -12.23
N ASN B 143 -1.29 -4.15 -13.06
CA ASN B 143 -1.10 -3.98 -14.50
C ASN B 143 0.18 -3.20 -14.73
N LEU B 144 0.77 -3.47 -15.86
CA LEU B 144 2.03 -2.80 -16.22
C LEU B 144 1.74 -1.67 -17.19
N LYS B 145 0.60 -1.70 -17.79
CA LYS B 145 0.21 -0.64 -18.74
C LYS B 145 -1.26 -0.40 -18.49
N GLU B 146 -1.79 0.61 -19.12
CA GLU B 146 -3.23 0.92 -18.93
C GLU B 146 -3.97 -0.14 -19.73
N THR B 147 -3.40 -0.43 -20.86
CA THR B 147 -3.88 -1.43 -21.83
C THR B 147 -2.56 -1.69 -22.60
N GLY B 155 0.46 -8.32 -20.18
CA GLY B 155 0.99 -7.05 -19.58
C GLY B 155 0.78 -7.03 -18.04
N GLN B 156 1.15 -8.09 -17.38
CA GLN B 156 1.01 -8.23 -15.90
C GLN B 156 2.41 -8.72 -15.51
N PRO B 157 2.90 -8.42 -14.33
CA PRO B 157 4.32 -8.71 -14.01
C PRO B 157 4.39 -10.05 -13.36
N SER B 158 5.57 -10.57 -13.28
CA SER B 158 5.71 -11.91 -12.65
C SER B 158 6.13 -11.77 -11.21
N VAL B 159 6.77 -10.66 -10.96
CA VAL B 159 7.29 -10.31 -9.61
C VAL B 159 6.70 -8.98 -9.06
N LEU B 160 6.96 -8.68 -7.81
CA LEU B 160 6.41 -7.42 -7.22
C LEU B 160 7.10 -6.25 -7.88
N GLN B 161 6.36 -5.21 -8.18
CA GLN B 161 7.04 -4.04 -8.85
C GLN B 161 7.10 -2.92 -7.85
N VAL B 162 7.96 -2.00 -8.16
CA VAL B 162 8.22 -0.80 -7.35
C VAL B 162 8.23 0.38 -8.31
N VAL B 163 8.25 1.57 -7.77
CA VAL B 163 8.33 2.87 -8.48
C VAL B 163 8.39 3.92 -7.38
N ASN B 164 9.21 4.89 -7.60
CA ASN B 164 9.35 5.97 -6.57
C ASN B 164 8.75 7.18 -7.22
N LEU B 165 7.79 7.80 -6.57
CA LEU B 165 7.15 9.02 -7.19
C LEU B 165 7.26 10.19 -6.23
N PRO B 166 7.45 11.35 -6.76
CA PRO B 166 7.33 12.62 -6.02
C PRO B 166 5.89 12.97 -5.67
N ILE B 167 5.79 13.72 -4.59
CA ILE B 167 4.47 14.17 -4.10
C ILE B 167 4.22 15.46 -4.88
N VAL B 168 2.97 15.71 -5.21
CA VAL B 168 2.64 16.92 -5.98
C VAL B 168 1.91 17.95 -5.14
N GLU B 169 2.13 19.16 -5.54
CA GLU B 169 1.53 20.35 -4.85
C GLU B 169 0.03 20.25 -5.01
N ARG B 170 -0.67 20.31 -3.93
CA ARG B 170 -2.15 20.23 -3.98
C ARG B 170 -2.76 21.00 -5.14
N PRO B 171 -2.57 22.28 -5.28
CA PRO B 171 -3.19 23.05 -6.41
C PRO B 171 -2.96 22.40 -7.77
N VAL B 172 -1.78 21.89 -7.95
CA VAL B 172 -1.46 21.23 -9.25
C VAL B 172 -2.30 19.94 -9.22
N CYS B 173 -2.41 19.31 -8.09
CA CYS B 173 -3.24 18.07 -8.11
C CYS B 173 -4.62 18.46 -8.52
N LYS B 174 -5.13 19.42 -7.82
CA LYS B 174 -6.49 19.92 -8.10
C LYS B 174 -6.73 20.35 -9.55
N ASP B 175 -5.83 21.06 -10.13
CA ASP B 175 -6.03 21.51 -11.54
C ASP B 175 -5.82 20.40 -12.56
N SER B 176 -5.62 19.20 -12.08
CA SER B 176 -5.42 18.11 -13.05
C SER B 176 -6.73 17.39 -13.15
N THR B 177 -7.71 17.71 -12.33
CA THR B 177 -9.00 16.95 -12.49
C THR B 177 -10.23 17.77 -12.17
N ARG B 178 -11.35 17.15 -12.42
CA ARG B 178 -12.71 17.73 -12.19
C ARG B 178 -13.26 16.98 -10.97
N ILE B 179 -12.46 16.30 -10.21
CA ILE B 179 -13.03 15.57 -9.03
C ILE B 179 -12.66 16.39 -7.81
N ARG B 180 -13.51 16.40 -6.83
CA ARG B 180 -13.19 17.20 -5.61
C ARG B 180 -12.15 16.45 -4.78
N ILE B 181 -11.02 17.10 -4.58
CA ILE B 181 -9.88 16.54 -3.78
C ILE B 181 -10.18 17.04 -2.38
N THR B 182 -10.03 16.25 -1.36
CA THR B 182 -10.32 16.72 0.00
C THR B 182 -8.97 16.77 0.64
N ASP B 183 -9.02 17.01 1.92
CA ASP B 183 -7.76 17.08 2.67
C ASP B 183 -7.39 15.66 3.05
N ASN B 184 -8.23 14.67 2.77
CA ASN B 184 -7.87 13.29 3.18
C ASN B 184 -7.24 12.59 2.01
N MET B 185 -6.68 13.31 1.06
CA MET B 185 -6.04 12.67 -0.10
C MET B 185 -4.83 13.51 -0.47
N PHE B 186 -3.85 13.00 -1.21
CA PHE B 186 -2.64 13.80 -1.63
C PHE B 186 -2.44 13.20 -3.06
N CYS B 187 -1.60 13.70 -3.95
CA CYS B 187 -1.46 13.04 -5.29
C CYS B 187 0.04 12.98 -5.49
N ALA B 188 0.51 12.06 -6.30
CA ALA B 188 1.98 11.96 -6.55
C ALA B 188 2.25 11.56 -7.97
N GLY B 189 3.37 11.96 -8.50
CA GLY B 189 3.64 11.56 -9.92
C GLY B 189 4.56 12.59 -10.47
N TYR B 190 4.99 12.41 -11.69
CA TYR B 190 5.92 13.42 -12.29
C TYR B 190 5.16 14.35 -13.23
N LYS B 191 5.57 15.60 -13.28
CA LYS B 191 4.90 16.59 -14.19
C LYS B 191 5.31 16.06 -15.59
N PRO B 192 4.54 16.32 -16.62
CA PRO B 192 4.89 15.92 -18.02
C PRO B 192 6.30 16.41 -18.39
N ASP B 193 6.58 17.54 -17.84
CA ASP B 193 7.90 18.25 -18.06
C ASP B 193 9.08 17.53 -17.39
N GLU B 194 8.84 16.74 -16.38
CA GLU B 194 9.99 16.07 -15.71
C GLU B 194 10.57 14.86 -16.45
N GLY B 195 10.00 14.53 -17.58
CA GLY B 195 10.51 13.36 -18.35
C GLY B 195 10.85 12.11 -17.52
N LYS B 196 10.04 11.84 -16.54
CA LYS B 196 10.22 10.66 -15.64
C LYS B 196 8.79 10.16 -15.64
N ARG B 197 8.59 8.89 -15.52
CA ARG B 197 7.22 8.29 -15.52
C ARG B 197 7.01 7.35 -14.33
N GLY B 198 5.83 6.80 -14.36
CA GLY B 198 5.46 5.85 -13.32
C GLY B 198 4.16 6.15 -12.65
N ASP B 199 3.51 5.10 -12.25
CA ASP B 199 2.22 5.30 -11.56
C ASP B 199 1.72 3.93 -11.12
N ALA B 200 0.66 3.98 -10.38
CA ALA B 200 0.05 2.76 -9.86
C ALA B 200 -1.00 2.50 -10.95
N CYS B 201 -1.59 1.34 -10.96
CA CYS B 201 -2.60 1.04 -11.99
C CYS B 201 -3.55 -0.01 -11.42
N GLU B 202 -4.43 -0.46 -12.26
CA GLU B 202 -5.40 -1.50 -11.81
C GLU B 202 -4.61 -2.68 -11.23
N GLY B 203 -5.00 -3.11 -10.06
CA GLY B 203 -4.32 -4.26 -9.37
C GLY B 203 -3.45 -3.82 -8.20
N ASP B 204 -3.10 -2.56 -8.19
CA ASP B 204 -2.25 -2.02 -7.10
C ASP B 204 -3.07 -1.38 -5.94
N SER B 205 -4.26 -0.89 -6.21
CA SER B 205 -5.12 -0.25 -5.16
C SER B 205 -4.98 -0.89 -3.79
N GLY B 206 -4.98 -0.12 -2.75
CA GLY B 206 -4.86 -0.77 -1.39
C GLY B 206 -3.44 -0.89 -0.90
N GLY B 207 -2.55 -0.90 -1.83
CA GLY B 207 -1.15 -1.03 -1.35
C GLY B 207 -0.64 0.22 -0.78
N PRO B 208 0.53 0.15 -0.23
CA PRO B 208 1.09 1.28 0.50
C PRO B 208 1.99 2.19 -0.31
N PHE B 209 2.12 3.35 0.26
CA PHE B 209 2.96 4.40 -0.32
C PHE B 209 3.78 4.57 0.96
N VAL B 210 5.08 4.31 0.92
CA VAL B 210 5.86 4.48 2.19
C VAL B 210 6.96 5.46 1.93
N MET B 211 7.60 5.96 2.96
CA MET B 211 8.73 6.92 2.82
C MET B 211 9.72 6.43 3.86
N LYS B 212 11.01 6.64 3.64
CA LYS B 212 12.00 6.16 4.64
C LYS B 212 12.36 7.43 5.46
N SER B 213 12.32 7.34 6.76
CA SER B 213 12.65 8.53 7.61
C SER B 213 14.14 8.64 7.74
N PRO B 214 14.67 9.77 7.37
CA PRO B 214 16.15 10.00 7.35
C PRO B 214 16.61 10.32 8.78
N PHE B 215 15.65 10.28 9.69
CA PHE B 215 15.95 10.57 11.11
C PHE B 215 16.09 9.29 11.86
N ASN B 216 15.17 8.41 11.61
CA ASN B 216 15.30 7.12 12.33
C ASN B 216 15.35 5.92 11.43
N ASN B 217 15.78 6.10 10.20
CA ASN B 217 15.89 4.99 9.19
C ASN B 217 14.70 4.08 9.09
N ARG B 218 13.51 4.53 9.44
CA ARG B 218 12.32 3.61 9.35
C ARG B 218 11.40 3.90 8.20
N TRP B 219 10.68 2.89 7.77
CA TRP B 219 9.76 3.12 6.65
C TRP B 219 8.40 3.41 7.31
N TYR B 220 7.73 4.37 6.76
CA TYR B 220 6.38 4.75 7.29
C TYR B 220 5.52 4.69 6.14
N GLN B 221 4.28 4.40 6.42
CA GLN B 221 3.28 4.31 5.33
C GLN B 221 2.58 5.62 5.39
N MET B 222 2.77 6.39 4.38
CA MET B 222 2.12 7.70 4.37
C MET B 222 0.82 7.61 3.62
N GLY B 223 0.74 6.73 2.66
CA GLY B 223 -0.55 6.66 1.90
C GLY B 223 -0.97 5.30 1.46
N ILE B 224 -2.07 5.24 0.77
CA ILE B 224 -2.69 3.99 0.24
C ILE B 224 -2.99 4.26 -1.19
N VAL B 225 -2.86 3.31 -2.09
CA VAL B 225 -3.18 3.58 -3.51
C VAL B 225 -4.72 3.70 -3.50
N SER B 226 -5.20 4.81 -4.00
CA SER B 226 -6.67 5.00 -4.03
C SER B 226 -7.21 5.10 -5.41
N TRP B 227 -7.05 6.18 -6.15
CA TRP B 227 -7.65 6.22 -7.52
C TRP B 227 -6.84 6.97 -8.57
N GLY B 228 -7.30 7.09 -9.76
CA GLY B 228 -6.52 7.82 -10.77
C GLY B 228 -7.41 7.86 -11.98
N GLU B 229 -6.95 8.43 -13.05
CA GLU B 229 -7.76 8.51 -14.29
C GLU B 229 -6.86 7.79 -15.28
N GLY B 230 -6.86 6.50 -15.27
CA GLY B 230 -5.98 5.76 -16.22
C GLY B 230 -4.72 5.45 -15.45
N CYS B 231 -3.70 5.03 -16.15
CA CYS B 231 -2.42 4.71 -15.49
C CYS B 231 -1.22 5.38 -16.21
N ASP B 232 -0.66 6.40 -15.61
CA ASP B 232 0.52 7.13 -16.18
C ASP B 232 0.20 8.05 -17.34
N ARG B 233 -0.97 8.64 -17.33
CA ARG B 233 -1.29 9.54 -18.48
C ARG B 233 -0.50 10.82 -18.25
N ASP B 234 -0.02 11.47 -19.27
CA ASP B 234 0.74 12.70 -18.96
C ASP B 234 -0.29 13.73 -18.57
N GLY B 235 -0.06 14.43 -17.49
CA GLY B 235 -1.03 15.47 -17.06
C GLY B 235 -1.83 15.03 -15.86
N LYS B 236 -1.86 13.75 -15.67
CA LYS B 236 -2.62 13.21 -14.52
C LYS B 236 -1.66 12.78 -13.46
N TYR B 237 -2.22 12.52 -12.30
CA TYR B 237 -1.49 12.09 -11.10
C TYR B 237 -2.35 11.00 -10.46
N GLY B 238 -1.80 10.30 -9.52
CA GLY B 238 -2.57 9.21 -8.83
C GLY B 238 -2.89 9.79 -7.47
N PHE B 239 -4.01 9.38 -6.91
CA PHE B 239 -4.38 9.93 -5.58
C PHE B 239 -4.24 8.78 -4.62
N TYR B 240 -3.92 9.17 -3.42
CA TYR B 240 -3.70 8.22 -2.30
C TYR B 240 -4.48 8.62 -1.05
N THR B 241 -4.79 7.70 -0.18
CA THR B 241 -5.55 8.10 1.05
C THR B 241 -4.46 8.62 2.03
N HIS B 242 -4.78 9.64 2.75
CA HIS B 242 -3.84 10.30 3.76
C HIS B 242 -3.94 9.54 5.10
N VAL B 243 -3.13 8.54 5.26
CA VAL B 243 -3.13 7.74 6.51
C VAL B 243 -3.01 8.55 7.77
N PHE B 244 -2.15 9.55 7.83
CA PHE B 244 -2.11 10.28 9.12
C PHE B 244 -3.49 10.93 9.42
N ARG B 245 -4.11 11.56 8.45
CA ARG B 245 -5.44 12.20 8.69
C ARG B 245 -6.50 11.24 9.11
N LEU B 246 -6.29 9.97 8.94
CA LEU B 246 -7.35 8.99 9.35
C LEU B 246 -6.82 8.07 10.47
N LYS B 247 -5.70 8.42 11.01
CA LYS B 247 -5.07 7.62 12.09
C LYS B 247 -5.84 7.45 13.38
N LYS B 248 -6.61 8.44 13.72
CA LYS B 248 -7.37 8.29 14.99
C LYS B 248 -8.37 7.15 14.76
N TRP B 249 -8.92 7.14 13.57
CA TRP B 249 -9.90 6.10 13.22
C TRP B 249 -9.21 4.77 13.48
N ILE B 250 -8.10 4.64 12.80
CA ILE B 250 -7.27 3.40 12.91
C ILE B 250 -7.14 2.99 14.36
N GLN B 251 -6.55 3.88 15.14
CA GLN B 251 -6.35 3.61 16.59
C GLN B 251 -7.63 3.06 17.19
N LYS B 252 -8.64 3.86 17.16
CA LYS B 252 -9.98 3.48 17.70
C LYS B 252 -10.33 2.00 17.45
N VAL B 253 -10.61 1.66 16.22
CA VAL B 253 -10.97 0.25 15.95
C VAL B 253 -9.93 -0.72 16.48
N ILE B 254 -8.68 -0.38 16.40
CA ILE B 254 -7.70 -1.36 16.92
C ILE B 254 -7.81 -1.44 18.43
N ASP B 255 -7.91 -0.37 19.14
CA ASP B 255 -7.99 -0.50 20.65
C ASP B 255 -9.42 -0.62 21.11
N GLN B 256 -10.25 -1.02 20.21
CA GLN B 256 -11.71 -1.22 20.47
C GLN B 256 -11.98 -2.68 20.08
N PHE B 257 -11.28 -3.15 19.08
CA PHE B 257 -11.47 -4.55 18.61
C PHE B 257 -10.20 -5.43 18.72
N GLY B 258 -9.18 -5.07 19.46
CA GLY B 258 -7.97 -5.99 19.54
C GLY B 258 -6.62 -5.28 19.44
N GLU B 259 -5.74 -5.83 18.64
CA GLU B 259 -4.36 -5.30 18.41
C GLU B 259 -3.71 -6.20 17.33
N ASP C 1 -4.16 -18.68 -14.14
CA ASP C 1 -2.82 -18.04 -14.20
C ASP C 1 -2.18 -18.27 -12.82
N PHE C 2 -2.95 -18.19 -11.75
CA PHE C 2 -2.33 -18.42 -10.41
C PHE C 2 -2.18 -19.93 -10.31
N GLU C 3 -1.42 -20.32 -9.33
CA GLU C 3 -1.13 -21.74 -9.04
C GLU C 3 -2.01 -22.12 -7.84
N GLU C 4 -2.43 -23.34 -7.89
CA GLU C 4 -3.30 -24.00 -6.86
C GLU C 4 -2.72 -23.76 -5.46
N ILE C 5 -3.50 -23.42 -4.49
CA ILE C 5 -2.89 -23.20 -3.15
C ILE C 5 -3.42 -24.34 -2.27
N PRO C 6 -2.70 -24.68 -1.24
CA PRO C 6 -3.08 -25.80 -0.35
C PRO C 6 -4.54 -25.79 0.12
N GLU C 7 -5.35 -26.62 -0.45
CA GLU C 7 -6.81 -26.71 -0.07
C GLU C 7 -7.13 -26.17 1.33
N GLU C 8 -6.37 -26.58 2.33
CA GLU C 8 -6.61 -26.12 3.73
C GLU C 8 -6.89 -24.62 3.92
N TYS C 9 -6.43 -23.80 3.02
CA TYS C 9 -6.71 -22.34 3.21
CB TYS C 9 -5.61 -21.57 2.50
CG TYS C 9 -4.28 -21.88 3.17
CD1 TYS C 9 -4.09 -21.60 4.50
CD2 TYS C 9 -3.25 -22.44 2.44
CE1 TYS C 9 -2.90 -21.86 5.12
CE2 TYS C 9 -2.07 -22.70 3.06
CZ TYS C 9 -1.87 -22.41 4.40
OH TYS C 9 -0.66 -22.66 5.01
S TYS C 9 0.44 -21.48 4.70
O1 TYS C 9 0.51 -21.09 3.32
O2 TYS C 9 0.10 -20.30 5.47
O3 TYS C 9 1.76 -21.89 5.07
C TYS C 9 -8.05 -21.85 2.69
O TYS C 9 -8.33 -20.66 2.77
H2 TYS C 9 -5.92 -24.13 2.25
HA TYS C 9 -6.68 -22.11 4.26
HB2 TYS C 9 -5.80 -20.50 2.59
HB3 TYS C 9 -5.57 -21.82 1.45
HD1 TYS C 9 -4.89 -21.17 5.08
HD2 TYS C 9 -3.39 -22.68 1.40
HE1 TYS C 9 -2.78 -21.63 6.17
HE2 TYS C 9 -1.25 -23.14 2.48
N LEU C 10 -8.84 -22.74 2.19
CA LEU C 10 -10.19 -22.35 1.66
C LEU C 10 -11.21 -22.87 2.69
N GLN C 11 -11.17 -24.17 2.86
CA GLN C 11 -12.04 -24.91 3.80
C GLN C 11 -13.50 -24.70 3.36
ZN ZN D . -8.85 0.85 -7.53
ZN ZN E . -8.80 3.01 -13.56
NA NA F . 0.92 11.19 -15.04
C1 BAB G . -4.73 4.21 -10.20
C2 BAB G . -4.69 3.40 -9.02
C3 BAB G . -5.80 2.62 -8.65
C4 BAB G . -6.91 2.67 -9.49
C5 BAB G . -6.93 3.44 -10.58
C6 BAB G . -5.89 4.21 -10.97
C7 BAB G . -3.71 5.02 -10.62
C8 BAB G . -8.79 2.47 -10.49
C9 BAB G . -10.28 2.05 -10.88
N1 BAB G . -3.58 5.14 -11.91
N2 BAB G . -2.93 5.63 -9.75
N3 BAB G . -8.08 2.07 -9.44
N4 BAB G . -8.08 3.32 -11.19
C1' BAB G . -10.69 -3.73 -9.38
C2' BAB G . -10.59 -3.09 -8.11
C3' BAB G . -10.52 -1.71 -7.97
C4' BAB G . -10.56 -0.99 -9.13
C5' BAB G . -10.65 -1.52 -10.38
C6' BAB G . -10.72 -2.90 -10.55
C7' BAB G . -10.72 -5.12 -9.44
C8' BAB G . -10.49 0.57 -10.49
N1' BAB G . -11.04 -5.71 -10.58
N2' BAB G . -10.42 -5.82 -8.36
N3' BAB G . -10.47 0.30 -9.22
N4' BAB G . -10.61 -0.52 -11.23
H2 BAB G . -3.79 3.40 -8.42
H3 BAB G . -5.79 1.99 -7.76
H6 BAB G . -5.98 4.80 -11.87
H91 BAB G . -10.45 2.17 -11.93
H92 BAB G . -10.98 2.66 -10.32
HN21 BAB G . -3.13 5.52 -8.77
HN22 BAB G . -2.20 6.24 -10.00
H2' BAB G . -10.57 -3.68 -7.21
H3' BAB G . -10.46 -1.24 -7.00
H6' BAB G . -10.80 -3.32 -11.54
H2'1 BAB G . -10.10 -5.33 -7.53
H2'2 BAB G . -10.38 -6.82 -8.33
HN4' BAB G . -10.66 -0.53 -12.20
HN1 BAB G . -11.24 -5.14 -11.38
HN2 BAB G . -11.04 -6.70 -10.69
HN5 BAB G . -4.24 4.68 -12.52
HN6 BAB G . -2.95 5.76 -12.34
#